data_7K2H
#
_entry.id   7K2H
#
_cell.length_a   162.241
_cell.length_b   68.597
_cell.length_c   77.274
_cell.angle_alpha   90.000
_cell.angle_beta   117.740
_cell.angle_gamma   90.000
#
_symmetry.space_group_name_H-M   'C 1 2 1'
#
loop_
_entity.id
_entity.type
_entity.pdbx_description
1 polymer 'Kelch-like ECH-associated protein 1'
2 polymer GLY-ASP-PRO-GLU-THR-GLY-GLU
3 water water
#
loop_
_entity_poly.entity_id
_entity_poly.type
_entity_poly.pdbx_seq_one_letter_code
_entity_poly.pdbx_strand_id
1 'polypeptide(L)'
;VGRLIYTAGGYFRQSLSYLEAYNPSDGTWLRLADLQVPRSGLAGCVVGGLLYAVGGRNNSPDGNTDSSALDCYNPMTNQW
SPCAPMSVPRNRIGVGVIDGHIYAVGGSHGCIHHNSVERYEPERDEWHLVAPMLTRRIGVGVAVLNRLLYAVGGFDGTNR
LNSAECYYPERNEWRMITAMNTIRSGAGVCVLHNCIYAAGGYDGQDQLNSVERYDVETETWTFVAPMKHRRSALGITVHQ
GRIYVLGGYDGHTFLDSVECYDPDTDTWSEVTRMTSGRSGVGVAVTMEPSRKQIDQQNCTC
;
A,B
2 'polypeptide(L)' GDPETGE P
#
# COMPACT_ATOMS: atom_id res chain seq x y z
N LEU A 4 10.79 -20.64 -4.79
CA LEU A 4 10.20 -21.86 -4.20
C LEU A 4 9.15 -21.59 -3.13
N ILE A 5 8.22 -22.53 -3.00
CA ILE A 5 7.17 -22.50 -1.99
C ILE A 5 7.64 -23.36 -0.84
N TYR A 6 7.87 -22.75 0.31
CA TYR A 6 8.41 -23.44 1.47
C TYR A 6 7.26 -23.77 2.40
N THR A 7 7.23 -25.00 2.90
CA THR A 7 6.23 -25.39 3.90
C THR A 7 6.96 -25.90 5.13
N ALA A 8 6.61 -25.33 6.29
CA ALA A 8 7.30 -25.63 7.54
C ALA A 8 6.31 -26.21 8.55
N GLY A 9 6.73 -27.29 9.21
CA GLY A 9 5.98 -27.86 10.30
C GLY A 9 4.69 -28.49 9.81
N GLY A 10 3.66 -28.41 10.65
CA GLY A 10 2.40 -29.01 10.30
C GLY A 10 2.07 -30.19 11.21
N TYR A 11 0.92 -30.79 10.95
CA TYR A 11 0.39 -31.78 11.86
C TYR A 11 0.00 -33.03 11.11
N PHE A 12 0.38 -34.16 11.67
CA PHE A 12 -0.21 -35.42 11.30
C PHE A 12 -0.21 -36.34 12.51
N ARG A 13 -1.05 -36.03 13.52
CA ARG A 13 -1.14 -36.68 14.84
C ARG A 13 0.07 -36.46 15.72
N GLN A 14 1.00 -35.69 15.22
CA GLN A 14 2.12 -35.23 15.99
C GLN A 14 2.38 -33.96 15.26
N SER A 15 2.91 -33.00 15.96
CA SER A 15 3.51 -31.88 15.26
C SER A 15 4.67 -32.42 14.44
N LEU A 16 5.02 -31.75 13.35
CA LEU A 16 6.08 -32.19 12.45
C LEU A 16 7.19 -31.14 12.41
N SER A 17 8.37 -31.57 11.98
CA SER A 17 9.55 -30.72 11.88
C SER A 17 9.94 -30.44 10.43
N TYR A 18 9.17 -30.93 9.46
CA TYR A 18 9.57 -30.85 8.05
C TYR A 18 9.68 -29.41 7.57
N LEU A 19 10.74 -29.13 6.82
CA LEU A 19 10.81 -27.97 5.96
C LEU A 19 11.06 -28.47 4.56
N GLU A 20 10.09 -28.31 3.68
CA GLU A 20 10.24 -28.73 2.29
C GLU A 20 9.83 -27.60 1.38
N ALA A 21 10.43 -27.54 0.19
CA ALA A 21 10.22 -26.43 -0.73
C ALA A 21 9.84 -26.95 -2.10
N TYR A 22 8.70 -26.48 -2.61
CA TYR A 22 8.15 -26.95 -3.88
C TYR A 22 8.58 -26.03 -5.02
N ASN A 23 9.04 -26.65 -6.11
CA ASN A 23 9.40 -25.93 -7.32
C ASN A 23 8.23 -26.06 -8.29
N PRO A 24 7.44 -25.00 -8.54
CA PRO A 24 6.28 -25.16 -9.42
C PRO A 24 6.64 -25.45 -10.86
N SER A 25 7.89 -25.22 -11.28
CA SER A 25 8.33 -25.54 -12.64
C SER A 25 8.83 -26.97 -12.72
N ASP A 26 9.75 -27.34 -11.81
CA ASP A 26 10.37 -28.66 -11.70
C ASP A 26 9.40 -29.74 -11.27
N GLY A 27 8.44 -29.39 -10.41
CA GLY A 27 7.64 -30.35 -9.70
C GLY A 27 8.26 -30.92 -8.43
N THR A 28 9.56 -30.69 -8.18
CA THR A 28 10.25 -31.36 -7.08
C THR A 28 9.86 -30.78 -5.72
N TRP A 29 9.94 -31.63 -4.70
CA TRP A 29 9.95 -31.22 -3.30
C TRP A 29 11.36 -31.40 -2.76
N LEU A 30 11.97 -30.31 -2.35
CA LEU A 30 13.31 -30.32 -1.76
C LEU A 30 13.17 -30.46 -0.25
N ARG A 31 13.96 -31.35 0.35
CA ARG A 31 13.92 -31.55 1.81
C ARG A 31 15.06 -30.76 2.45
N LEU A 32 14.72 -29.87 3.38
CA LEU A 32 15.66 -28.92 3.96
C LEU A 32 15.82 -29.20 5.46
N ALA A 33 16.58 -28.35 6.15
CA ALA A 33 16.86 -28.58 7.56
C ALA A 33 15.57 -28.58 8.38
N ASP A 34 15.44 -29.58 9.26
CA ASP A 34 14.28 -29.69 10.14
C ASP A 34 14.17 -28.46 11.02
N LEU A 35 12.93 -28.13 11.38
CA LEU A 35 12.72 -27.19 12.47
C LEU A 35 13.43 -27.69 13.72
N GLN A 36 13.89 -26.75 14.53
CA GLN A 36 14.49 -27.12 15.80
C GLN A 36 13.47 -27.85 16.67
N VAL A 37 12.20 -27.46 16.62
CA VAL A 37 11.12 -28.08 17.40
C VAL A 37 9.96 -28.42 16.48
N PRO A 38 9.36 -29.62 16.60
CA PRO A 38 8.16 -29.93 15.83
C PRO A 38 7.01 -28.99 16.18
N ARG A 39 6.41 -28.38 15.16
CA ARG A 39 5.39 -27.35 15.37
C ARG A 39 4.29 -27.49 14.33
N SER A 40 3.05 -27.46 14.80
CA SER A 40 1.84 -27.35 14.01
C SER A 40 1.11 -26.07 14.38
N GLY A 41 0.26 -25.58 13.48
CA GLY A 41 -0.54 -24.40 13.80
C GLY A 41 0.27 -23.11 13.83
N LEU A 42 1.47 -23.14 13.26
CA LEU A 42 2.33 -21.99 13.13
C LEU A 42 1.97 -21.21 11.86
N ALA A 43 2.65 -20.09 11.66
CA ALA A 43 2.54 -19.34 10.41
C ALA A 43 3.93 -19.12 9.86
N GLY A 44 4.00 -18.91 8.54
CA GLY A 44 5.25 -18.59 7.88
C GLY A 44 5.18 -17.21 7.25
N CYS A 45 6.33 -16.59 7.08
CA CYS A 45 6.44 -15.39 6.27
C CYS A 45 7.90 -15.18 5.94
N VAL A 46 8.15 -14.21 5.06
CA VAL A 46 9.49 -13.93 4.57
C VAL A 46 9.75 -12.44 4.72
N VAL A 47 10.87 -12.07 5.33
CA VAL A 47 11.32 -10.68 5.37
C VAL A 47 12.79 -10.66 4.97
N GLY A 48 13.14 -9.79 4.04
CA GLY A 48 14.54 -9.74 3.59
C GLY A 48 15.08 -11.07 3.13
N GLY A 49 14.27 -11.85 2.41
CA GLY A 49 14.71 -13.14 1.92
C GLY A 49 14.84 -14.23 2.97
N LEU A 50 14.66 -13.93 4.25
CA LEU A 50 14.70 -14.95 5.30
C LEU A 50 13.30 -15.44 5.62
N LEU A 51 13.18 -16.74 5.83
CA LEU A 51 11.91 -17.38 6.13
C LEU A 51 11.74 -17.49 7.65
N TYR A 52 10.61 -17.01 8.15
CA TYR A 52 10.32 -17.04 9.58
C TYR A 52 9.20 -18.03 9.86
N ALA A 53 9.37 -18.81 10.91
CA ALA A 53 8.33 -19.71 11.42
C ALA A 53 7.84 -19.14 12.75
N VAL A 54 6.54 -18.84 12.86
CA VAL A 54 6.03 -18.04 13.98
C VAL A 54 4.97 -18.84 14.75
N GLY A 55 5.19 -18.98 16.06
CA GLY A 55 4.20 -19.54 16.95
C GLY A 55 3.95 -21.01 16.70
N GLY A 56 2.71 -21.42 16.87
CA GLY A 56 2.34 -22.84 16.71
C GLY A 56 2.22 -23.63 18.01
N ARG A 57 2.39 -24.94 17.93
CA ARG A 57 2.22 -25.81 19.10
C ARG A 57 2.99 -27.10 18.85
N ASN A 58 3.69 -27.59 19.89
CA ASN A 58 4.38 -28.87 19.80
C ASN A 58 3.47 -29.94 20.41
N ASN A 59 2.78 -30.70 19.56
CA ASN A 59 2.01 -31.88 19.96
C ASN A 59 2.90 -33.10 19.78
N SER A 60 3.43 -33.62 20.89
CA SER A 60 4.32 -34.76 20.85
C SER A 60 3.78 -35.88 21.72
N PRO A 61 4.19 -37.13 21.47
CA PRO A 61 3.73 -38.23 22.33
C PRO A 61 4.04 -38.04 23.80
N ASP A 62 4.91 -37.07 24.12
CA ASP A 62 5.33 -36.82 25.50
C ASP A 62 5.00 -35.41 25.99
N GLY A 63 4.18 -34.65 25.26
CA GLY A 63 3.89 -33.29 25.67
C GLY A 63 2.96 -32.61 24.69
N ASN A 64 2.44 -31.45 25.12
CA ASN A 64 1.48 -30.65 24.36
C ASN A 64 1.64 -29.19 24.78
N THR A 65 2.62 -28.51 24.19
CA THR A 65 2.95 -27.15 24.59
C THR A 65 2.73 -26.19 23.42
N ASP A 66 1.95 -25.14 23.66
CA ASP A 66 1.91 -24.05 22.69
C ASP A 66 3.28 -23.37 22.63
N SER A 67 3.53 -22.63 21.55
CA SER A 67 4.86 -22.09 21.31
C SER A 67 4.78 -20.59 21.07
N SER A 68 5.65 -19.83 21.76
CA SER A 68 5.87 -18.42 21.48
C SER A 68 7.04 -18.17 20.55
N ALA A 69 7.61 -19.24 19.98
CA ALA A 69 8.91 -19.15 19.35
C ALA A 69 8.84 -18.42 18.03
N LEU A 70 9.92 -17.71 17.72
CA LEU A 70 10.16 -17.16 16.39
C LEU A 70 11.51 -17.71 15.93
N ASP A 71 11.52 -18.38 14.77
CA ASP A 71 12.72 -18.98 14.22
C ASP A 71 12.89 -18.55 12.78
N CYS A 72 14.15 -18.43 12.38
CA CYS A 72 14.53 -17.83 11.11
C CYS A 72 15.37 -18.81 10.29
N TYR A 73 14.95 -19.05 9.05
CA TYR A 73 15.63 -19.96 8.14
C TYR A 73 16.27 -19.19 6.99
N ASN A 74 17.56 -19.46 6.74
CA ASN A 74 18.32 -18.82 5.68
C ASN A 74 18.54 -19.78 4.54
N PRO A 75 17.94 -19.55 3.37
CA PRO A 75 18.14 -20.46 2.22
C PRO A 75 19.57 -20.51 1.73
N MET A 76 20.41 -19.53 2.06
CA MET A 76 21.80 -19.57 1.65
C MET A 76 22.69 -20.43 2.55
N THR A 77 22.27 -20.69 3.78
CA THR A 77 23.05 -21.57 4.63
C THR A 77 22.32 -22.88 4.90
N ASN A 78 21.05 -22.96 4.53
CA ASN A 78 20.18 -24.05 4.91
C ASN A 78 20.25 -24.32 6.42
N GLN A 79 20.22 -23.24 7.19
CA GLN A 79 20.25 -23.34 8.65
C GLN A 79 19.16 -22.49 9.27
N TRP A 80 18.55 -23.05 10.30
CA TRP A 80 17.65 -22.32 11.19
C TRP A 80 18.47 -21.65 12.29
N SER A 81 17.98 -20.50 12.77
CA SER A 81 18.51 -19.91 13.99
C SER A 81 17.34 -19.28 14.75
N PRO A 82 17.35 -19.34 16.07
CA PRO A 82 16.23 -18.77 16.83
C PRO A 82 16.26 -17.25 16.82
N CYS A 83 15.09 -16.67 17.02
CA CYS A 83 14.94 -15.25 17.28
C CYS A 83 14.36 -15.04 18.68
N ALA A 84 14.27 -13.78 19.08
CA ALA A 84 13.55 -13.45 20.29
C ALA A 84 12.11 -13.94 20.19
N PRO A 85 11.54 -14.49 21.25
CA PRO A 85 10.18 -15.02 21.17
C PRO A 85 9.12 -13.95 21.43
N MET A 86 7.88 -14.27 21.05
CA MET A 86 6.75 -13.39 21.33
C MET A 86 6.48 -13.34 22.84
N SER A 87 5.66 -12.35 23.22
CA SER A 87 5.32 -12.20 24.63
C SER A 87 4.48 -13.36 25.14
N VAL A 88 3.77 -14.08 24.26
CA VAL A 88 2.92 -15.20 24.68
C VAL A 88 2.98 -16.28 23.63
N PRO A 89 2.69 -17.52 24.02
CA PRO A 89 2.48 -18.58 23.03
C PRO A 89 1.22 -18.32 22.21
N ARG A 90 1.26 -18.74 20.94
CA ARG A 90 0.19 -18.42 19.99
C ARG A 90 0.05 -19.62 19.06
N ASN A 91 -0.79 -20.57 19.45
CA ASN A 91 -1.17 -21.67 18.57
C ASN A 91 -2.27 -21.21 17.64
N ARG A 92 -2.21 -21.66 16.39
CA ARG A 92 -3.19 -21.29 15.36
C ARG A 92 -3.18 -19.77 15.16
N ILE A 93 -1.96 -19.26 15.00
CA ILE A 93 -1.65 -17.85 14.83
C ILE A 93 -1.89 -17.44 13.37
N GLY A 94 -2.06 -16.14 13.15
CA GLY A 94 -1.92 -15.54 11.83
C GLY A 94 -0.85 -14.45 11.87
N VAL A 95 -0.15 -14.26 10.75
CA VAL A 95 0.89 -13.22 10.67
C VAL A 95 0.76 -12.46 9.35
N GLY A 96 1.27 -11.24 9.36
CA GLY A 96 1.41 -10.45 8.15
C GLY A 96 2.61 -9.54 8.30
N VAL A 97 3.13 -9.09 7.16
CA VAL A 97 4.36 -8.31 7.10
C VAL A 97 4.03 -6.92 6.57
N ILE A 98 4.38 -5.89 7.33
CA ILE A 98 4.26 -4.50 6.92
C ILE A 98 5.59 -3.81 7.18
N ASP A 99 6.17 -3.21 6.14
CA ASP A 99 7.34 -2.36 6.29
C ASP A 99 8.50 -3.13 6.90
N GLY A 100 8.65 -4.38 6.49
CA GLY A 100 9.72 -5.18 7.06
C GLY A 100 9.52 -5.61 8.50
N HIS A 101 8.31 -5.49 9.04
CA HIS A 101 7.98 -5.90 10.40
C HIS A 101 6.92 -6.98 10.38
N ILE A 102 7.07 -7.97 11.27
CA ILE A 102 6.18 -9.12 11.37
C ILE A 102 5.13 -8.86 12.44
N TYR A 103 3.85 -8.94 12.06
CA TYR A 103 2.76 -8.79 13.02
C TYR A 103 2.21 -10.17 13.35
N ALA A 104 2.23 -10.51 14.63
CA ALA A 104 1.65 -11.75 15.16
C ALA A 104 0.26 -11.47 15.69
N VAL A 105 -0.74 -12.20 15.19
CA VAL A 105 -2.14 -11.89 15.44
C VAL A 105 -2.84 -13.08 16.10
N GLY A 106 -3.48 -12.81 17.24
CA GLY A 106 -4.39 -13.77 17.86
C GLY A 106 -3.72 -15.08 18.24
N GLY A 107 -4.40 -16.20 17.96
CA GLY A 107 -3.92 -17.51 18.36
C GLY A 107 -4.38 -17.87 19.77
N SER A 108 -3.97 -19.05 20.24
CA SER A 108 -4.36 -19.52 21.56
C SER A 108 -3.16 -19.96 22.39
N HIS A 109 -3.38 -19.99 23.70
CA HIS A 109 -2.45 -20.49 24.71
C HIS A 109 -3.33 -21.20 25.73
N GLY A 110 -3.45 -22.52 25.61
CA GLY A 110 -4.35 -23.25 26.49
C GLY A 110 -5.77 -22.77 26.26
N CYS A 111 -6.42 -22.36 27.34
CA CYS A 111 -7.78 -21.84 27.23
C CYS A 111 -7.81 -20.41 26.78
N ILE A 112 -6.66 -19.74 26.76
CA ILE A 112 -6.63 -18.33 26.40
C ILE A 112 -6.81 -18.18 24.90
N HIS A 113 -7.78 -17.36 24.51
CA HIS A 113 -8.01 -17.03 23.12
C HIS A 113 -7.61 -15.58 22.94
N HIS A 114 -6.52 -15.34 22.22
CA HIS A 114 -5.92 -14.01 22.19
C HIS A 114 -6.68 -13.07 21.27
N ASN A 115 -6.96 -11.86 21.76
CA ASN A 115 -7.14 -10.71 20.90
C ASN A 115 -5.88 -9.88 20.76
N SER A 116 -4.82 -10.22 21.49
CA SER A 116 -3.59 -9.43 21.45
C SER A 116 -2.84 -9.60 20.13
N VAL A 117 -2.06 -8.55 19.78
CA VAL A 117 -1.28 -8.44 18.56
C VAL A 117 0.07 -7.85 18.93
N GLU A 118 1.14 -8.38 18.37
CA GLU A 118 2.47 -7.82 18.61
C GLU A 118 3.27 -7.78 17.31
N ARG A 119 4.29 -6.94 17.32
CA ARG A 119 5.05 -6.57 16.14
C ARG A 119 6.52 -6.88 16.36
N TYR A 120 7.13 -7.59 15.41
CA TYR A 120 8.54 -7.95 15.51
C TYR A 120 9.36 -7.05 14.59
N GLU A 121 10.51 -6.59 15.07
CA GLU A 121 11.43 -5.84 14.21
C GLU A 121 12.70 -6.65 13.99
N PRO A 122 12.96 -7.13 12.77
CA PRO A 122 14.14 -7.98 12.54
C PRO A 122 15.45 -7.29 12.82
N GLU A 123 15.57 -5.99 12.58
CA GLU A 123 16.85 -5.34 12.77
C GLU A 123 17.21 -5.17 14.24
N ARG A 124 16.24 -5.19 15.16
CA ARG A 124 16.54 -5.12 16.58
C ARG A 124 16.34 -6.43 17.32
N ASP A 125 15.80 -7.46 16.66
CA ASP A 125 15.37 -8.72 17.29
C ASP A 125 14.53 -8.45 18.54
N GLU A 126 13.49 -7.61 18.39
CA GLU A 126 12.59 -7.22 19.46
C GLU A 126 11.13 -7.34 19.04
N TRP A 127 10.30 -7.83 19.96
CA TRP A 127 8.85 -7.79 19.84
C TRP A 127 8.31 -6.67 20.72
N HIS A 128 7.24 -6.03 20.28
CA HIS A 128 6.49 -5.07 21.10
C HIS A 128 4.99 -5.22 20.86
N LEU A 129 4.21 -5.15 21.93
CA LEU A 129 2.75 -5.26 21.82
C LEU A 129 2.17 -4.04 21.14
N VAL A 130 1.12 -4.26 20.34
CA VAL A 130 0.42 -3.14 19.71
C VAL A 130 -1.04 -3.24 20.12
N ALA A 131 -1.91 -2.40 19.55
CA ALA A 131 -3.30 -2.40 20.00
C ALA A 131 -3.92 -3.77 19.78
N PRO A 132 -4.67 -4.30 20.74
CA PRO A 132 -5.35 -5.59 20.53
C PRO A 132 -6.50 -5.45 19.54
N MET A 133 -6.85 -6.58 18.93
CA MET A 133 -7.99 -6.66 18.04
C MET A 133 -9.29 -6.41 18.80
N LEU A 134 -10.33 -6.10 18.04
CA LEU A 134 -11.67 -6.00 18.63
C LEU A 134 -12.18 -7.36 19.08
N THR A 135 -11.59 -8.44 18.57
CA THR A 135 -12.11 -9.80 18.67
C THR A 135 -10.99 -10.76 19.03
N ARG A 136 -11.27 -11.70 19.94
CA ARG A 136 -10.38 -12.83 20.13
C ARG A 136 -10.50 -13.78 18.95
N ARG A 137 -9.40 -14.09 18.29
CA ARG A 137 -9.44 -14.92 17.09
C ARG A 137 -8.30 -15.93 17.11
N ILE A 138 -8.64 -17.21 17.11
CA ILE A 138 -7.65 -18.24 16.87
C ILE A 138 -8.02 -18.92 15.56
N GLY A 139 -7.00 -19.47 14.87
CA GLY A 139 -7.22 -19.86 13.50
C GLY A 139 -7.64 -18.69 12.65
N VAL A 140 -7.11 -17.51 12.94
CA VAL A 140 -7.42 -16.29 12.21
C VAL A 140 -6.61 -16.26 10.93
N GLY A 141 -7.20 -15.79 9.84
CA GLY A 141 -6.46 -15.55 8.60
C GLY A 141 -5.97 -14.10 8.56
N VAL A 142 -4.75 -13.90 8.05
CA VAL A 142 -4.12 -12.59 8.09
C VAL A 142 -3.56 -12.26 6.71
N ALA A 143 -3.76 -11.01 6.30
CA ALA A 143 -3.31 -10.53 5.02
C ALA A 143 -3.07 -9.03 5.11
N VAL A 144 -2.17 -8.55 4.27
CA VAL A 144 -1.75 -7.16 4.28
C VAL A 144 -2.06 -6.60 2.91
N LEU A 145 -2.75 -5.47 2.88
CA LEU A 145 -3.12 -4.85 1.62
C LEU A 145 -2.89 -3.35 1.78
N ASN A 146 -1.99 -2.79 0.98
CA ASN A 146 -1.70 -1.35 1.01
C ASN A 146 -1.28 -0.91 2.41
N ARG A 147 -0.43 -1.72 3.04
CA ARG A 147 0.17 -1.48 4.35
C ARG A 147 -0.86 -1.45 5.47
N LEU A 148 -2.07 -1.97 5.23
CA LEU A 148 -3.01 -2.23 6.30
C LEU A 148 -3.12 -3.72 6.52
N LEU A 149 -3.28 -4.08 7.79
CA LEU A 149 -3.24 -5.47 8.25
C LEU A 149 -4.67 -5.92 8.51
N TYR A 150 -5.08 -7.00 7.85
CA TYR A 150 -6.44 -7.52 7.96
C TYR A 150 -6.42 -8.85 8.70
N ALA A 151 -7.34 -9.00 9.65
CA ALA A 151 -7.55 -10.23 10.39
C ALA A 151 -8.95 -10.74 10.02
N VAL A 152 -9.03 -11.98 9.54
CA VAL A 152 -10.22 -12.47 8.87
C VAL A 152 -10.68 -13.77 9.55
N GLY A 153 -11.94 -13.81 10.01
CA GLY A 153 -12.48 -15.06 10.48
C GLY A 153 -11.86 -15.52 11.80
N GLY A 154 -11.84 -16.83 12.02
CA GLY A 154 -11.29 -17.40 13.23
C GLY A 154 -12.35 -17.94 14.18
N PHE A 155 -11.92 -18.20 15.42
CA PHE A 155 -12.70 -18.84 16.46
C PHE A 155 -12.45 -18.09 17.77
N ASP A 156 -13.51 -17.63 18.43
CA ASP A 156 -13.30 -16.84 19.63
C ASP A 156 -13.34 -17.69 20.90
N GLY A 157 -13.36 -19.01 20.76
CA GLY A 157 -13.50 -19.90 21.88
C GLY A 157 -14.92 -20.39 22.10
N THR A 158 -15.91 -19.65 21.58
CA THR A 158 -17.30 -20.07 21.66
C THR A 158 -17.94 -20.13 20.28
N ASN A 159 -17.74 -19.07 19.49
CA ASN A 159 -18.31 -18.98 18.16
C ASN A 159 -17.21 -18.87 17.13
N ARG A 160 -17.43 -19.48 15.97
CA ARG A 160 -16.63 -19.18 14.81
C ARG A 160 -17.19 -17.96 14.08
N LEU A 161 -16.34 -17.35 13.25
CA LEU A 161 -16.50 -15.95 12.86
C LEU A 161 -16.43 -15.79 11.36
N ASN A 162 -17.30 -14.93 10.82
CA ASN A 162 -17.12 -14.37 9.48
C ASN A 162 -16.68 -12.91 9.51
N SER A 163 -16.64 -12.30 10.69
CA SER A 163 -16.22 -10.92 10.79
C SER A 163 -14.76 -10.77 10.39
N ALA A 164 -14.41 -9.55 9.98
CA ALA A 164 -13.06 -9.17 9.66
C ALA A 164 -12.82 -7.75 10.15
N GLU A 165 -11.57 -7.45 10.49
CA GLU A 165 -11.18 -6.14 11.00
C GLU A 165 -9.81 -5.75 10.45
N CYS A 166 -9.53 -4.45 10.51
CA CYS A 166 -8.38 -3.90 9.80
C CYS A 166 -7.57 -3.04 10.76
N TYR A 167 -6.27 -3.30 10.83
CA TYR A 167 -5.34 -2.58 11.69
C TYR A 167 -4.63 -1.48 10.90
N TYR A 168 -4.66 -0.25 11.44
CA TYR A 168 -3.90 0.86 10.86
C TYR A 168 -2.63 1.07 11.66
N PRO A 169 -1.46 0.69 11.15
CA PRO A 169 -0.23 0.73 11.97
C PRO A 169 0.09 2.09 12.54
N GLU A 170 -0.03 3.14 11.72
CA GLU A 170 0.38 4.46 12.16
C GLU A 170 -0.66 5.13 13.04
N ARG A 171 -1.85 4.58 13.14
CA ARG A 171 -2.83 5.02 14.12
C ARG A 171 -2.96 4.05 15.29
N ASN A 172 -2.36 2.86 15.19
CA ASN A 172 -2.44 1.82 16.22
C ASN A 172 -3.88 1.56 16.67
N GLU A 173 -4.77 1.34 15.69
CA GLU A 173 -6.15 1.07 16.01
C GLU A 173 -6.74 0.04 15.04
N TRP A 174 -7.67 -0.77 15.55
CA TRP A 174 -8.38 -1.75 14.75
C TRP A 174 -9.78 -1.23 14.43
N ARG A 175 -10.25 -1.54 13.23
CA ARG A 175 -11.56 -1.11 12.78
C ARG A 175 -12.22 -2.25 12.02
N MET A 176 -13.46 -2.58 12.39
CA MET A 176 -14.23 -3.62 11.72
C MET A 176 -14.47 -3.24 10.28
N ILE A 177 -14.43 -4.23 9.38
CA ILE A 177 -14.77 -4.03 7.98
C ILE A 177 -15.98 -4.89 7.66
N THR A 178 -16.41 -4.91 6.39
CA THR A 178 -17.48 -5.82 5.96
C THR A 178 -17.12 -7.26 6.28
N ALA A 179 -18.08 -8.00 6.85
CA ALA A 179 -17.86 -9.40 7.17
C ALA A 179 -17.85 -10.26 5.92
N MET A 180 -17.15 -11.38 5.97
CA MET A 180 -17.24 -12.33 4.86
C MET A 180 -18.66 -12.87 4.71
N ASN A 181 -18.94 -13.46 3.53
CA ASN A 181 -20.20 -14.15 3.35
C ASN A 181 -20.28 -15.43 4.17
N THR A 182 -19.14 -16.05 4.50
CA THR A 182 -19.12 -17.35 5.16
C THR A 182 -18.26 -17.33 6.42
N ILE A 183 -18.79 -17.96 7.47
CA ILE A 183 -18.02 -18.18 8.69
C ILE A 183 -16.89 -19.17 8.41
N ARG A 184 -15.67 -18.80 8.80
CA ARG A 184 -14.48 -19.64 8.55
C ARG A 184 -13.50 -19.49 9.69
N SER A 185 -13.13 -20.58 10.34
CA SER A 185 -11.89 -20.65 11.11
C SER A 185 -10.93 -21.61 10.42
N GLY A 186 -9.65 -21.35 10.58
CA GLY A 186 -8.63 -22.13 9.87
C GLY A 186 -8.69 -22.00 8.36
N ALA A 187 -9.19 -20.87 7.85
CA ALA A 187 -9.13 -20.62 6.41
C ALA A 187 -7.72 -20.17 6.03
N GLY A 188 -7.45 -20.25 4.67
CA GLY A 188 -6.27 -19.68 4.13
C GLY A 188 -6.61 -18.31 3.58
N VAL A 189 -5.84 -17.31 4.02
CA VAL A 189 -6.08 -15.92 3.69
C VAL A 189 -4.77 -15.36 3.15
N CYS A 190 -4.83 -14.76 1.97
CA CYS A 190 -3.67 -14.13 1.39
C CYS A 190 -4.13 -12.98 0.50
N VAL A 191 -3.17 -12.26 -0.04
CA VAL A 191 -3.45 -11.15 -0.95
C VAL A 191 -2.95 -11.53 -2.34
N LEU A 192 -3.78 -11.28 -3.34
CA LEU A 192 -3.39 -11.52 -4.71
C LEU A 192 -3.87 -10.36 -5.57
N HIS A 193 -2.96 -9.81 -6.35
CA HIS A 193 -3.20 -8.56 -7.05
C HIS A 193 -3.57 -7.55 -5.98
N ASN A 194 -4.79 -7.03 -5.96
CA ASN A 194 -5.14 -6.11 -4.88
C ASN A 194 -6.45 -6.53 -4.23
N CYS A 195 -6.59 -7.83 -3.99
CA CYS A 195 -7.74 -8.37 -3.28
C CYS A 195 -7.26 -9.36 -2.24
N ILE A 196 -8.02 -9.43 -1.15
CA ILE A 196 -7.81 -10.41 -0.09
C ILE A 196 -8.63 -11.64 -0.45
N TYR A 197 -7.98 -12.81 -0.45
CA TYR A 197 -8.69 -14.05 -0.68
C TYR A 197 -8.79 -14.82 0.62
N ALA A 198 -9.97 -15.39 0.88
CA ALA A 198 -10.18 -16.28 2.02
C ALA A 198 -10.70 -17.58 1.45
N ALA A 199 -9.98 -18.67 1.71
CA ALA A 199 -10.22 -19.94 1.05
C ALA A 199 -10.32 -21.05 2.09
N GLY A 200 -11.39 -21.84 1.97
CA GLY A 200 -11.65 -22.99 2.82
C GLY A 200 -11.87 -22.61 4.28
N GLY A 201 -11.42 -23.49 5.16
CA GLY A 201 -11.64 -23.32 6.58
C GLY A 201 -12.75 -24.22 7.08
N TYR A 202 -13.30 -23.83 8.24
CA TYR A 202 -14.27 -24.61 8.99
C TYR A 202 -15.30 -23.67 9.60
N ASP A 203 -16.59 -23.98 9.40
CA ASP A 203 -17.66 -23.14 9.92
C ASP A 203 -18.31 -23.71 11.18
N GLY A 204 -17.68 -24.71 11.81
CA GLY A 204 -18.27 -25.39 12.95
C GLY A 204 -19.14 -26.59 12.60
N GLN A 205 -19.51 -26.75 11.33
CA GLN A 205 -20.25 -27.92 10.86
C GLN A 205 -19.46 -28.65 9.78
N ASP A 206 -19.01 -27.90 8.78
CA ASP A 206 -18.38 -28.49 7.61
C ASP A 206 -17.01 -27.85 7.36
N GLN A 207 -16.10 -28.65 6.80
CA GLN A 207 -14.93 -28.07 6.15
C GLN A 207 -15.37 -27.55 4.80
N LEU A 208 -14.75 -26.45 4.36
CA LEU A 208 -15.26 -25.64 3.26
C LEU A 208 -14.35 -25.70 2.04
N ASN A 209 -14.94 -25.64 0.86
CA ASN A 209 -14.17 -25.48 -0.36
C ASN A 209 -14.39 -24.13 -1.01
N SER A 210 -15.33 -23.34 -0.50
CA SER A 210 -15.62 -22.06 -1.10
C SER A 210 -14.47 -21.07 -0.86
N VAL A 211 -14.37 -20.11 -1.76
CA VAL A 211 -13.34 -19.07 -1.79
C VAL A 211 -14.05 -17.75 -2.07
N GLU A 212 -13.75 -16.73 -1.28
CA GLU A 212 -14.31 -15.41 -1.53
C GLU A 212 -13.21 -14.36 -1.43
N ARG A 213 -13.40 -13.24 -2.12
CA ARG A 213 -12.33 -12.25 -2.17
C ARG A 213 -12.89 -10.86 -1.86
N TYR A 214 -12.08 -10.10 -1.13
CA TYR A 214 -12.46 -8.78 -0.66
C TYR A 214 -11.87 -7.73 -1.59
N ASP A 215 -12.71 -6.79 -2.01
CA ASP A 215 -12.26 -5.63 -2.75
C ASP A 215 -12.30 -4.42 -1.83
N VAL A 216 -11.14 -3.81 -1.61
CA VAL A 216 -11.11 -2.65 -0.73
C VAL A 216 -11.94 -1.51 -1.29
N GLU A 217 -12.00 -1.36 -2.62
CA GLU A 217 -12.65 -0.21 -3.23
C GLU A 217 -14.15 -0.23 -3.03
N THR A 218 -14.77 -1.40 -3.19
CA THR A 218 -16.21 -1.58 -2.95
C THR A 218 -16.51 -2.09 -1.55
N GLU A 219 -15.49 -2.34 -0.73
CA GLU A 219 -15.64 -2.98 0.59
C GLU A 219 -16.60 -4.16 0.54
N THR A 220 -16.37 -5.07 -0.41
CA THR A 220 -17.31 -6.14 -0.69
C THR A 220 -16.58 -7.47 -0.84
N TRP A 221 -17.18 -8.54 -0.30
CA TRP A 221 -16.69 -9.91 -0.46
C TRP A 221 -17.51 -10.61 -1.52
N THR A 222 -16.83 -11.17 -2.52
CA THR A 222 -17.49 -11.84 -3.62
C THR A 222 -16.97 -13.28 -3.70
N PHE A 223 -17.87 -14.24 -3.89
CA PHE A 223 -17.43 -15.62 -4.04
C PHE A 223 -16.67 -15.77 -5.36
N VAL A 224 -15.65 -16.61 -5.39
CA VAL A 224 -15.09 -16.96 -6.70
C VAL A 224 -15.22 -18.46 -6.83
N ALA A 225 -14.48 -19.04 -7.78
CA ALA A 225 -14.52 -20.48 -7.97
C ALA A 225 -14.10 -21.21 -6.69
N PRO A 226 -14.74 -22.31 -6.34
CA PRO A 226 -14.32 -23.08 -5.16
C PRO A 226 -13.16 -24.01 -5.48
N MET A 227 -12.43 -24.38 -4.43
CA MET A 227 -11.39 -25.40 -4.57
C MET A 227 -12.02 -26.76 -4.86
N LYS A 228 -11.21 -27.66 -5.42
CA LYS A 228 -11.66 -29.04 -5.64
C LYS A 228 -11.97 -29.73 -4.33
N HIS A 229 -11.14 -29.51 -3.30
CA HIS A 229 -11.22 -30.27 -2.07
C HIS A 229 -11.48 -29.33 -0.89
N ARG A 230 -12.54 -29.64 -0.15
CA ARG A 230 -12.81 -28.99 1.12
C ARG A 230 -11.65 -29.25 2.08
N ARG A 231 -11.25 -28.20 2.81
CA ARG A 231 -10.09 -28.32 3.68
C ARG A 231 -10.08 -27.20 4.70
N SER A 232 -9.78 -27.54 5.95
CA SER A 232 -9.53 -26.58 7.01
C SER A 232 -8.08 -26.71 7.46
N ALA A 233 -7.54 -25.61 8.01
CA ALA A 233 -6.14 -25.53 8.45
C ALA A 233 -5.18 -25.82 7.29
N LEU A 234 -5.51 -25.29 6.13
CA LEU A 234 -4.64 -25.39 4.97
C LEU A 234 -3.53 -24.35 5.10
N GLY A 235 -2.44 -24.58 4.38
CA GLY A 235 -1.46 -23.53 4.19
C GLY A 235 -1.78 -22.84 2.87
N ILE A 236 -1.36 -21.58 2.75
CA ILE A 236 -1.65 -20.80 1.55
C ILE A 236 -0.51 -19.83 1.28
N THR A 237 -0.25 -19.59 0.00
CA THR A 237 0.70 -18.55 -0.37
C THR A 237 0.41 -18.10 -1.79
N VAL A 238 1.16 -17.11 -2.24
CA VAL A 238 1.07 -16.63 -3.61
C VAL A 238 2.43 -16.80 -4.25
N HIS A 239 2.46 -17.39 -5.44
CA HIS A 239 3.68 -17.56 -6.22
C HIS A 239 3.38 -17.19 -7.67
N GLN A 240 4.08 -16.19 -8.19
CA GLN A 240 4.01 -15.81 -9.60
C GLN A 240 2.56 -15.61 -10.07
N GLY A 241 1.84 -14.78 -9.32
CA GLY A 241 0.50 -14.39 -9.71
C GLY A 241 -0.59 -15.43 -9.50
N ARG A 242 -0.30 -16.53 -8.80
CA ARG A 242 -1.29 -17.59 -8.57
C ARG A 242 -1.27 -18.00 -7.11
N ILE A 243 -2.44 -18.39 -6.60
CA ILE A 243 -2.60 -18.84 -5.23
C ILE A 243 -2.31 -20.33 -5.16
N TYR A 244 -1.58 -20.75 -4.13
CA TYR A 244 -1.33 -22.15 -3.87
C TYR A 244 -1.86 -22.49 -2.49
N VAL A 245 -2.67 -23.52 -2.39
CA VAL A 245 -3.14 -24.01 -1.09
C VAL A 245 -2.59 -25.41 -0.88
N LEU A 246 -2.13 -25.67 0.34
CA LEU A 246 -1.37 -26.86 0.65
C LEU A 246 -2.02 -27.60 1.80
N GLY A 247 -2.40 -28.85 1.56
CA GLY A 247 -2.75 -29.66 2.70
C GLY A 247 -4.04 -29.21 3.35
N GLY A 248 -4.14 -29.48 4.64
CA GLY A 248 -5.34 -29.23 5.39
C GLY A 248 -6.00 -30.51 5.87
N TYR A 249 -7.22 -30.36 6.37
CA TYR A 249 -7.97 -31.44 7.00
C TYR A 249 -9.39 -31.34 6.50
N ASP A 250 -9.94 -32.46 5.99
CA ASP A 250 -11.27 -32.45 5.39
C ASP A 250 -12.32 -33.19 6.24
N GLY A 251 -12.10 -33.31 7.54
CA GLY A 251 -12.97 -34.07 8.38
C GLY A 251 -12.66 -35.56 8.47
N HIS A 252 -11.89 -36.10 7.51
CA HIS A 252 -11.50 -37.51 7.57
C HIS A 252 -10.01 -37.72 7.40
N THR A 253 -9.37 -36.93 6.54
CA THR A 253 -8.00 -37.15 6.09
C THR A 253 -7.19 -35.88 6.30
N PHE A 254 -5.91 -36.03 6.61
CA PHE A 254 -4.94 -34.95 6.46
C PHE A 254 -4.44 -34.99 5.03
N LEU A 255 -4.78 -33.96 4.26
CA LEU A 255 -4.55 -33.97 2.82
C LEU A 255 -3.10 -33.66 2.47
N ASP A 256 -2.63 -34.27 1.38
CA ASP A 256 -1.37 -33.86 0.77
C ASP A 256 -1.62 -33.08 -0.51
N SER A 257 -2.87 -32.94 -0.91
CA SER A 257 -3.23 -32.20 -2.12
C SER A 257 -2.72 -30.78 -2.08
N VAL A 258 -2.19 -30.31 -3.20
CA VAL A 258 -1.85 -28.90 -3.40
C VAL A 258 -2.63 -28.43 -4.61
N GLU A 259 -3.46 -27.41 -4.43
CA GLU A 259 -4.22 -26.82 -5.52
C GLU A 259 -3.73 -25.40 -5.80
N CYS A 260 -3.96 -24.97 -7.04
CA CYS A 260 -3.41 -23.73 -7.55
C CYS A 260 -4.50 -22.95 -8.26
N TYR A 261 -4.68 -21.69 -7.88
CA TYR A 261 -5.75 -20.85 -8.41
C TYR A 261 -5.18 -19.85 -9.43
N ASP A 262 -5.74 -19.88 -10.65
CA ASP A 262 -5.39 -18.91 -11.69
C ASP A 262 -6.45 -17.83 -11.75
N PRO A 263 -6.17 -16.60 -11.28
CA PRO A 263 -7.21 -15.57 -11.28
C PRO A 263 -7.67 -15.19 -12.67
N ASP A 264 -6.85 -15.38 -13.70
CA ASP A 264 -7.28 -15.02 -15.05
C ASP A 264 -8.38 -15.94 -15.54
N THR A 265 -8.29 -17.24 -15.23
CA THR A 265 -9.34 -18.16 -15.64
C THR A 265 -10.38 -18.40 -14.55
N ASP A 266 -10.17 -17.87 -13.34
CA ASP A 266 -10.99 -18.23 -12.18
C ASP A 266 -11.18 -19.74 -12.13
N THR A 267 -10.07 -20.45 -12.18
CA THR A 267 -10.06 -21.91 -12.09
C THR A 267 -9.01 -22.38 -11.10
N TRP A 268 -9.35 -23.45 -10.39
CA TRP A 268 -8.44 -24.19 -9.53
C TRP A 268 -7.97 -25.45 -10.26
N SER A 269 -6.72 -25.83 -10.04
CA SER A 269 -6.24 -27.13 -10.51
C SER A 269 -5.31 -27.72 -9.46
N GLU A 270 -5.26 -29.04 -9.42
CA GLU A 270 -4.36 -29.76 -8.52
C GLU A 270 -3.01 -29.90 -9.21
N VAL A 271 -1.93 -29.46 -8.56
CA VAL A 271 -0.65 -29.34 -9.24
C VAL A 271 0.37 -30.33 -8.72
N THR A 272 0.26 -30.70 -7.44
CA THR A 272 1.21 -31.62 -6.85
C THR A 272 0.57 -32.25 -5.62
N ARG A 273 1.29 -33.18 -5.02
CA ARG A 273 1.01 -33.66 -3.68
C ARG A 273 2.25 -33.46 -2.82
N MET A 274 2.06 -33.01 -1.59
CA MET A 274 3.13 -33.01 -0.62
C MET A 274 3.63 -34.44 -0.38
N THR A 275 4.86 -34.54 0.14
CA THR A 275 5.43 -35.86 0.41
C THR A 275 4.63 -36.64 1.46
N SER A 276 3.83 -35.96 2.28
CA SER A 276 2.92 -36.60 3.21
C SER A 276 1.82 -35.61 3.58
N GLY A 277 0.63 -36.13 3.89
CA GLY A 277 -0.48 -35.27 4.25
C GLY A 277 -0.26 -34.61 5.61
N ARG A 278 -0.65 -33.35 5.70
CA ARG A 278 -0.51 -32.59 6.94
C ARG A 278 -1.45 -31.40 6.89
N SER A 279 -1.80 -30.92 8.07
CA SER A 279 -2.52 -29.67 8.24
C SER A 279 -1.73 -28.72 9.13
N GLY A 280 -2.22 -27.49 9.24
CA GLY A 280 -1.62 -26.51 10.14
C GLY A 280 -0.18 -26.18 9.85
N VAL A 281 0.19 -26.05 8.56
CA VAL A 281 1.56 -25.70 8.16
C VAL A 281 1.74 -24.19 8.14
N GLY A 282 2.99 -23.75 8.19
CA GLY A 282 3.37 -22.40 7.79
C GLY A 282 3.98 -22.43 6.39
N VAL A 283 3.53 -21.49 5.54
CA VAL A 283 3.90 -21.45 4.12
C VAL A 283 4.37 -20.05 3.74
N ALA A 284 5.46 -19.97 2.97
CA ALA A 284 5.85 -18.70 2.35
C ALA A 284 6.79 -18.97 1.17
N VAL A 285 7.11 -17.91 0.44
CA VAL A 285 7.86 -17.99 -0.81
C VAL A 285 9.13 -17.17 -0.67
N THR A 286 10.27 -17.77 -1.01
CA THR A 286 11.55 -17.10 -0.92
C THR A 286 12.55 -17.67 -1.94
N MET A 287 13.78 -17.18 -1.90
CA MET A 287 14.81 -17.63 -2.82
C MET A 287 15.19 -19.09 -2.58
N GLU A 288 15.38 -19.82 -3.66
CA GLU A 288 15.73 -21.25 -3.57
C GLU A 288 17.06 -21.43 -2.85
N PRO A 289 17.16 -22.51 -2.06
CA PRO A 289 18.37 -22.84 -1.29
C PRO A 289 19.63 -22.77 -2.15
N SER A 290 20.65 -22.07 -1.67
CA SER A 290 21.91 -21.94 -2.40
C SER A 290 22.73 -23.22 -2.34
N ARG A 291 22.88 -23.87 -3.48
CA ARG A 291 23.64 -25.12 -3.56
C ARG A 291 24.72 -25.03 -4.64
N LEU B 4 15.37 9.56 -2.76
CA LEU B 4 15.48 11.02 -2.85
C LEU B 4 14.14 11.65 -3.23
N ILE B 5 13.93 12.90 -2.84
CA ILE B 5 12.73 13.63 -3.23
C ILE B 5 13.12 14.73 -4.21
N TYR B 6 12.62 14.63 -5.44
CA TYR B 6 12.99 15.55 -6.51
C TYR B 6 12.04 16.73 -6.56
N THR B 7 12.60 17.94 -6.63
CA THR B 7 11.85 19.16 -6.89
C THR B 7 12.20 19.70 -8.26
N ALA B 8 11.19 19.87 -9.11
CA ALA B 8 11.38 20.36 -10.47
C ALA B 8 10.57 21.64 -10.69
N GLY B 9 11.22 22.65 -11.29
CA GLY B 9 10.49 23.84 -11.68
C GLY B 9 10.22 24.77 -10.52
N GLY B 10 9.14 25.54 -10.64
CA GLY B 10 8.78 26.53 -9.66
C GLY B 10 8.83 27.93 -10.22
N TYR B 11 8.44 28.87 -9.39
CA TYR B 11 8.30 30.25 -9.82
C TYR B 11 8.87 31.20 -8.78
N PHE B 12 9.71 32.10 -9.28
CA PHE B 12 10.12 33.28 -8.53
C PHE B 12 10.49 34.38 -9.52
N ARG B 13 9.48 35.11 -10.00
CA ARG B 13 9.47 36.18 -11.04
C ARG B 13 9.65 35.62 -12.45
N GLN B 14 9.94 34.32 -12.58
CA GLN B 14 9.89 33.60 -13.84
C GLN B 14 9.82 32.15 -13.49
N SER B 15 9.26 31.38 -14.38
CA SER B 15 9.31 29.94 -14.21
C SER B 15 10.78 29.53 -14.15
N LEU B 16 11.06 28.43 -13.44
CA LEU B 16 12.44 28.07 -13.10
C LEU B 16 12.83 26.74 -13.71
N SER B 17 14.14 26.56 -13.91
CA SER B 17 14.68 25.35 -14.48
C SER B 17 15.19 24.38 -13.42
N TYR B 18 15.16 24.75 -12.14
CA TYR B 18 15.83 23.99 -11.09
C TYR B 18 15.28 22.57 -10.99
N LEU B 19 16.20 21.59 -10.97
CA LEU B 19 15.90 20.23 -10.53
C LEU B 19 16.83 19.92 -9.38
N GLU B 20 16.27 19.71 -8.19
CA GLU B 20 17.04 19.48 -6.99
C GLU B 20 16.49 18.26 -6.25
N ALA B 21 17.34 17.61 -5.47
CA ALA B 21 16.99 16.39 -4.76
C ALA B 21 17.31 16.56 -3.28
N TYR B 22 16.38 16.13 -2.43
CA TYR B 22 16.56 16.24 -0.98
C TYR B 22 16.68 14.86 -0.34
N ASN B 23 17.63 14.77 0.59
CA ASN B 23 17.86 13.59 1.40
C ASN B 23 17.25 13.86 2.77
N PRO B 24 16.20 13.14 3.18
CA PRO B 24 15.59 13.43 4.49
C PRO B 24 16.51 13.17 5.67
N SER B 25 17.57 12.38 5.51
CA SER B 25 18.49 12.12 6.62
C SER B 25 19.57 13.19 6.75
N ASP B 26 20.19 13.58 5.63
CA ASP B 26 21.36 14.46 5.70
C ASP B 26 20.99 15.92 5.91
N GLY B 27 19.80 16.32 5.46
CA GLY B 27 19.47 17.72 5.41
C GLY B 27 20.21 18.49 4.35
N THR B 28 20.94 17.80 3.47
CA THR B 28 21.67 18.39 2.36
C THR B 28 20.79 18.49 1.12
N TRP B 29 21.10 19.46 0.27
CA TRP B 29 20.45 19.66 -1.01
C TRP B 29 21.43 19.37 -2.14
N LEU B 30 21.02 18.50 -3.06
CA LEU B 30 21.82 18.22 -4.25
C LEU B 30 21.19 18.89 -5.46
N ARG B 31 22.00 19.62 -6.22
CA ARG B 31 21.56 20.32 -7.41
C ARG B 31 21.89 19.46 -8.64
N LEU B 32 20.89 19.21 -9.48
CA LEU B 32 21.02 18.29 -10.60
C LEU B 32 20.81 19.04 -11.92
N ALA B 33 20.60 18.27 -12.99
CA ALA B 33 20.54 18.83 -14.33
C ALA B 33 19.30 19.71 -14.50
N ASP B 34 19.49 20.89 -15.09
CA ASP B 34 18.39 21.83 -15.29
C ASP B 34 17.33 21.25 -16.22
N LEU B 35 16.07 21.61 -15.95
CA LEU B 35 15.00 21.37 -16.89
C LEU B 35 15.34 22.04 -18.22
N GLN B 36 14.81 21.49 -19.31
CA GLN B 36 15.16 22.00 -20.63
C GLN B 36 14.39 23.29 -20.92
N VAL B 37 13.12 23.34 -20.53
CA VAL B 37 12.33 24.58 -20.53
C VAL B 37 11.92 24.86 -19.08
N PRO B 38 12.06 26.09 -18.61
CA PRO B 38 11.58 26.43 -17.26
C PRO B 38 10.08 26.20 -17.14
N ARG B 39 9.64 25.88 -15.92
CA ARG B 39 8.26 25.44 -15.66
C ARG B 39 7.82 25.85 -14.27
N SER B 40 6.58 26.33 -14.16
CA SER B 40 5.90 26.47 -12.88
C SER B 40 4.44 26.07 -13.06
N GLY B 41 3.81 25.71 -11.93
CA GLY B 41 2.52 25.06 -11.98
C GLY B 41 2.54 23.67 -12.60
N LEU B 42 3.69 23.01 -12.62
CA LEU B 42 3.80 21.69 -13.19
C LEU B 42 3.56 20.63 -12.12
N ALA B 43 3.43 19.39 -12.57
CA ALA B 43 3.37 18.26 -11.67
C ALA B 43 4.39 17.20 -12.09
N GLY B 44 4.77 16.38 -11.12
CA GLY B 44 5.70 15.30 -11.36
C GLY B 44 5.13 13.98 -10.90
N CYS B 45 5.72 12.90 -11.44
CA CYS B 45 5.38 11.55 -11.02
C CYS B 45 6.56 10.64 -11.35
N VAL B 46 6.45 9.38 -10.92
CA VAL B 46 7.51 8.38 -11.03
C VAL B 46 6.91 7.15 -11.68
N VAL B 47 7.56 6.65 -12.74
CA VAL B 47 7.21 5.38 -13.36
C VAL B 47 8.50 4.67 -13.73
N GLY B 48 8.67 3.44 -13.24
CA GLY B 48 9.88 2.67 -13.55
C GLY B 48 11.16 3.34 -13.10
N GLY B 49 11.11 4.09 -12.00
CA GLY B 49 12.24 4.85 -11.52
C GLY B 49 12.54 6.11 -12.30
N LEU B 50 11.86 6.34 -13.42
CA LEU B 50 12.06 7.53 -14.23
C LEU B 50 11.10 8.64 -13.80
N LEU B 51 11.66 9.84 -13.64
CA LEU B 51 10.91 10.99 -13.15
C LEU B 51 10.30 11.76 -14.31
N TYR B 52 8.99 11.94 -14.28
CA TYR B 52 8.27 12.68 -15.32
C TYR B 52 7.91 14.06 -14.80
N ALA B 53 8.19 15.08 -15.61
CA ALA B 53 7.66 16.44 -15.40
C ALA B 53 6.52 16.66 -16.40
N VAL B 54 5.36 17.09 -15.89
CA VAL B 54 4.15 17.16 -16.70
C VAL B 54 3.59 18.58 -16.64
N GLY B 55 3.25 19.12 -17.81
CA GLY B 55 2.53 20.39 -17.97
C GLY B 55 3.23 21.57 -17.32
N GLY B 56 2.41 22.54 -16.91
CA GLY B 56 2.93 23.74 -16.29
C GLY B 56 2.96 24.88 -17.27
N ARG B 57 3.90 25.81 -17.09
CA ARG B 57 3.92 27.03 -17.88
C ARG B 57 5.27 27.70 -17.75
N ASN B 58 5.74 28.34 -18.83
CA ASN B 58 6.96 29.16 -18.76
C ASN B 58 6.54 30.62 -18.73
N ASN B 59 6.37 31.15 -17.52
CA ASN B 59 6.07 32.56 -17.26
C ASN B 59 7.40 33.30 -17.20
N SER B 60 7.76 34.00 -18.26
CA SER B 60 9.06 34.66 -18.39
C SER B 60 8.88 36.13 -18.75
N PRO B 61 9.96 36.92 -18.70
CA PRO B 61 9.88 38.31 -19.19
C PRO B 61 9.44 38.43 -20.64
N ASP B 62 9.53 37.34 -21.41
CA ASP B 62 9.23 37.38 -22.84
C ASP B 62 8.10 36.46 -23.25
N GLY B 63 7.36 35.88 -22.30
CA GLY B 63 6.26 35.02 -22.67
C GLY B 63 5.59 34.44 -21.46
N ASN B 64 4.59 33.60 -21.73
CA ASN B 64 3.80 32.97 -20.70
C ASN B 64 3.15 31.72 -21.31
N THR B 65 3.98 30.79 -21.76
CA THR B 65 3.54 29.66 -22.58
C THR B 65 3.10 28.48 -21.72
N ASP B 66 1.81 28.14 -21.78
CA ASP B 66 1.32 26.92 -21.16
C ASP B 66 1.96 25.70 -21.81
N SER B 67 2.24 24.69 -21.01
CA SER B 67 3.03 23.55 -21.46
C SER B 67 2.16 22.31 -21.62
N SER B 68 2.19 21.72 -22.81
CA SER B 68 1.66 20.39 -23.04
C SER B 68 2.75 19.33 -22.98
N ALA B 69 3.91 19.69 -22.44
CA ALA B 69 5.09 18.85 -22.55
C ALA B 69 5.11 17.78 -21.46
N LEU B 70 5.64 16.62 -21.83
CA LEU B 70 5.99 15.56 -20.90
C LEU B 70 7.48 15.30 -21.07
N ASP B 71 8.23 15.44 -19.98
CA ASP B 71 9.67 15.22 -20.01
C ASP B 71 10.03 14.17 -18.99
N CYS B 72 10.98 13.30 -19.36
CA CYS B 72 11.38 12.16 -18.56
C CYS B 72 12.83 12.31 -18.15
N TYR B 73 13.10 12.23 -16.85
CA TYR B 73 14.43 12.34 -16.29
C TYR B 73 14.89 10.96 -15.81
N ASN B 74 16.14 10.59 -16.13
CA ASN B 74 16.75 9.32 -15.71
C ASN B 74 17.73 9.58 -14.57
N PRO B 75 17.51 9.04 -13.37
CA PRO B 75 18.18 9.56 -12.18
C PRO B 75 19.70 9.39 -12.15
N MET B 76 20.28 8.41 -12.86
CA MET B 76 21.72 8.27 -12.86
C MET B 76 22.36 8.33 -14.25
N THR B 77 21.58 8.66 -15.28
CA THR B 77 22.12 9.31 -16.47
C THR B 77 22.24 10.82 -16.28
N ASN B 78 21.45 11.40 -15.38
CA ASN B 78 21.29 12.83 -15.20
C ASN B 78 21.01 13.52 -16.54
N GLN B 79 20.09 12.93 -17.32
CA GLN B 79 19.65 13.56 -18.55
C GLN B 79 18.13 13.59 -18.61
N TRP B 80 17.61 14.65 -19.25
CA TRP B 80 16.21 14.76 -19.59
C TRP B 80 15.99 14.35 -21.04
N SER B 81 14.77 13.91 -21.35
CA SER B 81 14.42 13.64 -22.72
C SER B 81 12.94 13.86 -22.96
N PRO B 82 12.55 14.41 -24.11
CA PRO B 82 11.14 14.67 -24.36
C PRO B 82 10.36 13.41 -24.70
N CYS B 83 9.14 13.34 -24.18
CA CYS B 83 8.16 12.34 -24.57
C CYS B 83 7.04 13.01 -25.35
N ALA B 84 6.11 12.21 -25.86
CA ALA B 84 5.03 12.78 -26.65
C ALA B 84 4.27 13.81 -25.83
N PRO B 85 3.83 14.91 -26.44
CA PRO B 85 3.04 15.90 -25.70
C PRO B 85 1.59 15.45 -25.57
N MET B 86 0.92 16.05 -24.59
CA MET B 86 -0.49 15.79 -24.36
C MET B 86 -1.32 16.43 -25.46
N SER B 87 -2.63 16.16 -25.44
CA SER B 87 -3.50 16.78 -26.43
C SER B 87 -3.61 18.29 -26.23
N VAL B 88 -3.40 18.76 -25.01
CA VAL B 88 -3.56 20.17 -24.67
C VAL B 88 -2.51 20.57 -23.65
N PRO B 89 -2.16 21.85 -23.62
CA PRO B 89 -1.33 22.35 -22.51
C PRO B 89 -2.13 22.41 -21.23
N ARG B 90 -1.45 22.16 -20.10
CA ARG B 90 -2.09 22.08 -18.79
C ARG B 90 -1.23 22.81 -17.75
N ASN B 91 -1.50 24.10 -17.53
CA ASN B 91 -0.87 24.81 -16.41
C ASN B 91 -1.64 24.52 -15.13
N ARG B 92 -0.92 24.40 -14.01
CA ARG B 92 -1.53 24.11 -12.70
C ARG B 92 -2.27 22.78 -12.74
N ILE B 93 -1.55 21.78 -13.26
CA ILE B 93 -2.04 20.43 -13.50
C ILE B 93 -1.91 19.58 -12.23
N GLY B 94 -2.63 18.47 -12.22
CA GLY B 94 -2.38 17.39 -11.26
C GLY B 94 -2.19 16.08 -12.00
N VAL B 95 -1.37 15.19 -11.43
CA VAL B 95 -1.08 13.92 -12.08
C VAL B 95 -1.20 12.78 -11.08
N GLY B 96 -1.63 11.63 -11.58
CA GLY B 96 -1.58 10.39 -10.82
C GLY B 96 -1.20 9.24 -11.71
N VAL B 97 -0.59 8.22 -11.11
CA VAL B 97 -0.11 7.02 -11.83
C VAL B 97 -0.92 5.82 -11.35
N ILE B 98 -1.50 5.10 -12.31
CA ILE B 98 -2.18 3.82 -12.08
C ILE B 98 -1.76 2.87 -13.18
N ASP B 99 -1.35 1.65 -12.80
CA ASP B 99 -1.07 0.57 -13.76
C ASP B 99 0.13 0.89 -14.63
N GLY B 100 1.08 1.64 -14.09
CA GLY B 100 2.17 2.15 -14.90
C GLY B 100 1.77 3.16 -15.95
N HIS B 101 0.56 3.73 -15.84
CA HIS B 101 0.07 4.73 -16.78
C HIS B 101 -0.03 6.08 -16.09
N ILE B 102 0.27 7.14 -16.82
CA ILE B 102 0.29 8.50 -16.26
C ILE B 102 -1.00 9.21 -16.60
N TYR B 103 -1.73 9.66 -15.58
CA TYR B 103 -2.96 10.40 -15.76
C TYR B 103 -2.68 11.89 -15.56
N ALA B 104 -3.03 12.69 -16.56
CA ALA B 104 -2.88 14.13 -16.48
C ALA B 104 -4.27 14.73 -16.25
N VAL B 105 -4.40 15.55 -15.21
CA VAL B 105 -5.71 15.94 -14.70
C VAL B 105 -5.88 17.47 -14.81
N GLY B 106 -6.90 17.90 -15.55
CA GLY B 106 -7.32 19.28 -15.49
C GLY B 106 -6.24 20.25 -15.94
N GLY B 107 -6.05 21.31 -15.18
CA GLY B 107 -5.12 22.35 -15.57
C GLY B 107 -5.77 23.32 -16.53
N SER B 108 -5.03 24.38 -16.85
CA SER B 108 -5.56 25.43 -17.69
C SER B 108 -4.69 25.64 -18.93
N HIS B 109 -5.32 26.16 -19.96
CA HIS B 109 -4.66 26.67 -21.15
C HIS B 109 -5.36 27.99 -21.48
N GLY B 110 -4.66 29.10 -21.24
CA GLY B 110 -5.29 30.40 -21.41
C GLY B 110 -6.52 30.55 -20.53
N CYS B 111 -7.65 30.91 -21.17
CA CYS B 111 -8.91 31.05 -20.46
C CYS B 111 -9.59 29.72 -20.20
N ILE B 112 -9.09 28.64 -20.77
CA ILE B 112 -9.77 27.35 -20.70
C ILE B 112 -9.32 26.61 -19.46
N HIS B 113 -10.27 26.25 -18.61
CA HIS B 113 -10.02 25.39 -17.46
C HIS B 113 -10.49 23.99 -17.81
N HIS B 114 -9.57 23.03 -17.84
CA HIS B 114 -9.86 21.70 -18.32
C HIS B 114 -10.63 20.88 -17.30
N ASN B 115 -11.74 20.28 -17.73
CA ASN B 115 -12.23 19.10 -17.04
C ASN B 115 -11.68 17.82 -17.67
N SER B 116 -11.02 17.95 -18.83
CA SER B 116 -10.51 16.78 -19.53
C SER B 116 -9.38 16.10 -18.74
N VAL B 117 -9.23 14.81 -18.99
CA VAL B 117 -8.20 13.96 -18.41
C VAL B 117 -7.66 13.09 -19.54
N GLU B 118 -6.35 12.85 -19.54
CA GLU B 118 -5.76 11.99 -20.56
C GLU B 118 -4.72 11.08 -19.93
N ARG B 119 -4.51 9.95 -20.60
CA ARG B 119 -3.72 8.84 -20.09
C ARG B 119 -2.54 8.59 -21.01
N TYR B 120 -1.34 8.50 -20.43
CA TYR B 120 -0.11 8.27 -21.15
C TYR B 120 0.42 6.87 -20.87
N GLU B 121 0.89 6.20 -21.92
CA GLU B 121 1.46 4.86 -21.80
C GLU B 121 2.96 4.92 -22.03
N PRO B 122 3.80 4.72 -21.01
CA PRO B 122 5.23 5.02 -21.15
C PRO B 122 5.95 4.26 -22.25
N GLU B 123 5.68 2.97 -22.45
CA GLU B 123 6.40 2.21 -23.47
C GLU B 123 5.58 2.03 -24.73
N ARG B 124 4.50 2.80 -24.85
CA ARG B 124 3.84 3.04 -26.12
C ARG B 124 4.00 4.47 -26.57
N ASP B 125 4.41 5.37 -25.68
CA ASP B 125 4.62 6.79 -25.97
C ASP B 125 3.38 7.39 -26.62
N GLU B 126 2.24 7.21 -25.94
CA GLU B 126 0.97 7.67 -26.47
C GLU B 126 0.14 8.31 -25.37
N TRP B 127 -0.60 9.36 -25.74
CA TRP B 127 -1.64 9.93 -24.90
C TRP B 127 -3.00 9.62 -25.53
N HIS B 128 -3.99 9.35 -24.69
CA HIS B 128 -5.36 9.17 -25.14
C HIS B 128 -6.30 9.74 -24.12
N LEU B 129 -7.38 10.36 -24.61
CA LEU B 129 -8.38 10.96 -23.73
C LEU B 129 -9.15 9.87 -23.00
N VAL B 130 -9.49 10.15 -21.75
CA VAL B 130 -10.42 9.32 -21.00
C VAL B 130 -11.65 10.18 -20.76
N ALA B 131 -12.55 9.74 -19.89
CA ALA B 131 -13.73 10.53 -19.62
C ALA B 131 -13.33 11.84 -18.93
N PRO B 132 -14.03 12.94 -19.21
CA PRO B 132 -13.77 14.19 -18.49
C PRO B 132 -14.33 14.16 -17.07
N MET B 133 -13.70 14.95 -16.20
CA MET B 133 -14.16 15.07 -14.83
C MET B 133 -15.57 15.67 -14.80
N LEU B 134 -16.27 15.43 -13.69
CA LEU B 134 -17.50 16.17 -13.42
C LEU B 134 -17.26 17.66 -13.46
N THR B 135 -16.05 18.09 -13.11
CA THR B 135 -15.73 19.47 -12.78
C THR B 135 -14.47 19.88 -13.54
N ARG B 136 -14.47 21.08 -14.10
CA ARG B 136 -13.22 21.69 -14.53
C ARG B 136 -12.38 22.03 -13.30
N ARG B 137 -11.09 21.69 -13.31
CA ARG B 137 -10.24 21.87 -12.14
C ARG B 137 -8.83 22.27 -12.56
N ILE B 138 -8.39 23.46 -12.13
CA ILE B 138 -6.99 23.80 -12.19
C ILE B 138 -6.55 24.06 -10.75
N GLY B 139 -5.24 23.94 -10.53
CA GLY B 139 -4.77 23.90 -9.15
C GLY B 139 -5.33 22.73 -8.38
N VAL B 140 -5.63 21.63 -9.08
CA VAL B 140 -6.29 20.45 -8.51
C VAL B 140 -5.24 19.57 -7.85
N GLY B 141 -5.58 18.98 -6.71
CA GLY B 141 -4.73 17.98 -6.08
C GLY B 141 -5.16 16.59 -6.50
N VAL B 142 -4.19 15.72 -6.77
CA VAL B 142 -4.45 14.41 -7.35
C VAL B 142 -3.76 13.35 -6.49
N ALA B 143 -4.43 12.21 -6.33
CA ALA B 143 -4.00 11.17 -5.42
C ALA B 143 -4.57 9.85 -5.88
N VAL B 144 -3.84 8.77 -5.60
CA VAL B 144 -4.18 7.45 -6.11
C VAL B 144 -4.41 6.51 -4.93
N LEU B 145 -5.56 5.86 -4.92
CA LEU B 145 -5.93 4.96 -3.84
C LEU B 145 -6.68 3.76 -4.39
N ASN B 146 -6.13 2.56 -4.12
CA ASN B 146 -6.82 1.29 -4.39
C ASN B 146 -7.21 1.17 -5.86
N ARG B 147 -6.32 1.62 -6.75
CA ARG B 147 -6.46 1.63 -8.21
C ARG B 147 -7.48 2.66 -8.67
N LEU B 148 -7.85 3.61 -7.82
CA LEU B 148 -8.79 4.66 -8.17
C LEU B 148 -8.12 6.02 -8.03
N LEU B 149 -8.52 6.96 -8.89
CA LEU B 149 -7.85 8.25 -9.02
C LEU B 149 -8.71 9.35 -8.42
N TYR B 150 -8.16 10.08 -7.44
CA TYR B 150 -8.87 11.15 -6.76
C TYR B 150 -8.39 12.53 -7.23
N ALA B 151 -9.33 13.35 -7.71
CA ALA B 151 -9.09 14.76 -8.00
C ALA B 151 -9.75 15.61 -6.92
N VAL B 152 -8.95 16.43 -6.23
CA VAL B 152 -9.33 17.08 -4.98
C VAL B 152 -9.16 18.60 -5.13
N GLY B 153 -10.25 19.34 -4.85
CA GLY B 153 -10.21 20.79 -4.82
C GLY B 153 -9.93 21.37 -6.18
N GLY B 154 -9.31 22.55 -6.18
CA GLY B 154 -9.01 23.27 -7.40
C GLY B 154 -9.94 24.45 -7.65
N PHE B 155 -9.94 24.90 -8.90
CA PHE B 155 -10.57 26.14 -9.34
C PHE B 155 -11.20 25.89 -10.70
N ASP B 156 -12.50 26.15 -10.86
CA ASP B 156 -13.14 25.92 -12.16
C ASP B 156 -13.11 27.15 -13.06
N GLY B 157 -12.39 28.20 -12.68
CA GLY B 157 -12.42 29.47 -13.37
C GLY B 157 -13.32 30.49 -12.72
N THR B 158 -14.28 30.05 -11.90
CA THR B 158 -15.22 30.94 -11.25
C THR B 158 -15.30 30.66 -9.77
N ASN B 159 -15.45 29.37 -9.41
CA ASN B 159 -15.48 28.97 -8.01
C ASN B 159 -14.26 28.13 -7.68
N ARG B 160 -13.75 28.33 -6.46
CA ARG B 160 -12.80 27.41 -5.88
C ARG B 160 -13.58 26.32 -5.16
N LEU B 161 -12.99 25.15 -5.13
CA LEU B 161 -13.74 23.91 -4.89
C LEU B 161 -13.29 23.26 -3.60
N ASN B 162 -14.27 22.80 -2.82
CA ASN B 162 -14.02 21.80 -1.80
C ASN B 162 -14.42 20.40 -2.25
N SER B 163 -15.04 20.25 -3.41
CA SER B 163 -15.43 18.94 -3.88
C SER B 163 -14.20 18.09 -4.21
N ALA B 164 -14.37 16.78 -4.08
CA ALA B 164 -13.44 15.80 -4.62
C ALA B 164 -14.24 14.76 -5.39
N GLU B 165 -13.62 14.19 -6.42
CA GLU B 165 -14.23 13.18 -7.27
C GLU B 165 -13.21 12.08 -7.54
N CYS B 166 -13.73 10.93 -7.96
CA CYS B 166 -12.96 9.70 -8.07
C CYS B 166 -13.22 9.07 -9.43
N TYR B 167 -12.15 8.74 -10.15
CA TYR B 167 -12.23 8.10 -11.46
C TYR B 167 -12.09 6.60 -11.29
N TYR B 168 -13.00 5.85 -11.90
CA TYR B 168 -12.94 4.40 -11.84
C TYR B 168 -12.42 3.88 -13.17
N PRO B 169 -11.20 3.34 -13.24
CA PRO B 169 -10.62 2.99 -14.55
C PRO B 169 -11.39 1.93 -15.30
N GLU B 170 -11.83 0.88 -14.62
CA GLU B 170 -12.49 -0.23 -15.30
C GLU B 170 -13.88 0.13 -15.82
N ARG B 171 -14.43 1.27 -15.42
CA ARG B 171 -15.68 1.78 -15.97
C ARG B 171 -15.52 3.10 -16.69
N ASN B 172 -14.34 3.72 -16.63
CA ASN B 172 -14.04 5.03 -17.23
C ASN B 172 -15.17 6.03 -16.96
N GLU B 173 -15.43 6.26 -15.67
CA GLU B 173 -16.42 7.22 -15.26
C GLU B 173 -15.96 7.87 -13.98
N TRP B 174 -16.37 9.13 -13.81
CA TRP B 174 -16.07 9.92 -12.63
C TRP B 174 -17.25 9.93 -11.67
N ARG B 175 -16.94 9.90 -10.36
CA ARG B 175 -17.99 9.88 -9.35
C ARG B 175 -17.58 10.77 -8.19
N MET B 176 -18.45 11.73 -7.86
CA MET B 176 -18.23 12.66 -6.75
C MET B 176 -18.23 11.93 -5.41
N ILE B 177 -17.36 12.36 -4.49
CA ILE B 177 -17.33 11.82 -3.13
C ILE B 177 -17.70 12.92 -2.13
N THR B 178 -17.50 12.67 -0.85
CA THR B 178 -17.72 13.72 0.15
C THR B 178 -16.75 14.88 -0.06
N ALA B 179 -17.28 16.11 -0.04
CA ALA B 179 -16.46 17.31 -0.17
C ALA B 179 -15.59 17.50 1.07
N MET B 180 -14.47 18.20 0.89
CA MET B 180 -13.67 18.59 2.04
C MET B 180 -14.43 19.57 2.92
N ASN B 181 -13.95 19.72 4.16
CA ASN B 181 -14.51 20.76 5.02
C ASN B 181 -14.12 22.16 4.53
N THR B 182 -13.00 22.27 3.81
CA THR B 182 -12.48 23.57 3.38
C THR B 182 -12.34 23.62 1.87
N ILE B 183 -12.72 24.76 1.29
CA ILE B 183 -12.43 25.01 -0.11
C ILE B 183 -10.93 25.23 -0.28
N ARG B 184 -10.33 24.55 -1.25
CA ARG B 184 -8.88 24.59 -1.45
C ARG B 184 -8.56 24.54 -2.93
N SER B 185 -7.88 25.58 -3.42
CA SER B 185 -7.22 25.53 -4.71
C SER B 185 -5.73 25.72 -4.45
N GLY B 186 -4.90 25.09 -5.27
CA GLY B 186 -3.46 25.12 -5.06
C GLY B 186 -3.02 24.50 -3.74
N ALA B 187 -3.72 23.46 -3.28
CA ALA B 187 -3.28 22.75 -2.09
C ALA B 187 -2.26 21.69 -2.45
N GLY B 188 -1.66 21.07 -1.41
CA GLY B 188 -0.83 19.91 -1.58
C GLY B 188 -1.63 18.67 -1.20
N VAL B 189 -1.76 17.74 -2.14
CA VAL B 189 -2.60 16.56 -1.96
C VAL B 189 -1.80 15.28 -2.27
N CYS B 190 -1.82 14.33 -1.33
CA CYS B 190 -1.09 13.08 -1.47
C CYS B 190 -1.95 11.91 -0.97
N VAL B 191 -1.39 10.70 -1.04
CA VAL B 191 -2.01 9.48 -0.52
C VAL B 191 -1.05 8.91 0.52
N LEU B 192 -1.22 9.35 1.76
CA LEU B 192 -0.44 8.71 2.83
C LEU B 192 -1.31 7.73 3.59
N HIS B 193 -0.66 6.70 4.16
CA HIS B 193 -1.27 5.55 4.83
C HIS B 193 -2.13 4.72 3.87
N ASN B 194 -3.41 5.00 3.91
CA ASN B 194 -4.37 4.57 2.90
C ASN B 194 -5.47 5.61 2.82
N CYS B 195 -5.11 6.87 3.05
CA CYS B 195 -6.06 7.99 3.08
C CYS B 195 -5.70 8.95 1.95
N ILE B 196 -6.38 10.10 1.91
CA ILE B 196 -6.04 11.20 1.04
C ILE B 196 -5.85 12.42 1.94
N TYR B 197 -4.62 12.94 1.99
CA TYR B 197 -4.34 14.16 2.71
C TYR B 197 -4.44 15.35 1.78
N ALA B 198 -4.92 16.47 2.31
CA ALA B 198 -4.97 17.73 1.57
C ALA B 198 -4.52 18.83 2.51
N ALA B 199 -3.47 19.55 2.13
CA ALA B 199 -2.85 20.54 3.01
C ALA B 199 -2.80 21.92 2.37
N GLY B 200 -3.23 22.93 3.12
CA GLY B 200 -3.08 24.30 2.68
C GLY B 200 -4.00 24.62 1.52
N GLY B 201 -3.50 25.49 0.64
CA GLY B 201 -4.27 25.96 -0.50
C GLY B 201 -4.74 27.39 -0.28
N TYR B 202 -5.61 27.82 -1.20
CA TYR B 202 -6.18 29.16 -1.20
C TYR B 202 -7.67 29.04 -1.46
N ASP B 203 -8.49 29.65 -0.60
CA ASP B 203 -9.93 29.47 -0.66
C ASP B 203 -10.64 30.63 -1.36
N GLY B 204 -9.90 31.47 -2.06
CA GLY B 204 -10.46 32.66 -2.66
C GLY B 204 -10.38 33.89 -1.79
N GLN B 205 -9.94 33.76 -0.55
CA GLN B 205 -9.75 34.92 0.33
C GLN B 205 -8.41 34.86 1.05
N ASP B 206 -8.01 33.69 1.55
CA ASP B 206 -6.79 33.55 2.33
C ASP B 206 -6.04 32.29 1.95
N GLN B 207 -4.72 32.34 2.05
CA GLN B 207 -3.94 31.11 2.06
C GLN B 207 -4.21 30.34 3.35
N LEU B 208 -4.09 29.02 3.30
CA LEU B 208 -4.47 28.17 4.42
C LEU B 208 -3.28 27.40 4.97
N ASN B 209 -3.31 27.15 6.28
CA ASN B 209 -2.39 26.21 6.89
C ASN B 209 -3.08 24.94 7.37
N SER B 210 -4.41 24.89 7.34
CA SER B 210 -5.12 23.69 7.78
C SER B 210 -4.78 22.52 6.88
N VAL B 211 -4.91 21.33 7.46
CA VAL B 211 -4.69 20.06 6.78
C VAL B 211 -5.83 19.14 7.19
N GLU B 212 -6.42 18.43 6.23
CA GLU B 212 -7.44 17.44 6.55
C GLU B 212 -7.15 16.18 5.75
N ARG B 213 -7.65 15.05 6.27
CA ARG B 213 -7.41 13.78 5.61
C ARG B 213 -8.73 13.06 5.41
N TYR B 214 -8.82 12.32 4.32
CA TYR B 214 -10.03 11.61 3.95
C TYR B 214 -9.87 10.14 4.28
N ASP B 215 -10.77 9.61 5.10
CA ASP B 215 -10.78 8.21 5.49
C ASP B 215 -11.80 7.48 4.62
N VAL B 216 -11.33 6.55 3.79
CA VAL B 216 -12.18 5.99 2.75
C VAL B 216 -13.31 5.14 3.35
N GLU B 217 -12.99 4.37 4.40
CA GLU B 217 -13.98 3.48 5.01
C GLU B 217 -15.16 4.27 5.60
N THR B 218 -14.89 5.38 6.28
CA THR B 218 -15.93 6.20 6.87
C THR B 218 -16.35 7.37 5.97
N GLU B 219 -15.78 7.46 4.76
CA GLU B 219 -16.03 8.56 3.82
C GLU B 219 -16.09 9.90 4.53
N THR B 220 -15.11 10.15 5.39
CA THR B 220 -15.12 11.30 6.27
C THR B 220 -13.81 12.07 6.12
N TRP B 221 -13.90 13.39 6.08
CA TRP B 221 -12.75 14.29 6.13
C TRP B 221 -12.58 14.79 7.55
N THR B 222 -11.37 14.70 8.08
CA THR B 222 -11.10 15.14 9.44
C THR B 222 -9.86 16.00 9.46
N PHE B 223 -9.91 17.09 10.21
CA PHE B 223 -8.78 18.00 10.34
C PHE B 223 -7.73 17.39 11.27
N VAL B 224 -6.46 17.53 10.90
CA VAL B 224 -5.35 17.02 11.70
C VAL B 224 -4.54 18.19 12.22
N ALA B 225 -3.26 17.94 12.48
CA ALA B 225 -2.34 18.99 12.85
C ALA B 225 -2.09 19.92 11.67
N PRO B 226 -2.34 21.21 11.79
CA PRO B 226 -2.04 22.14 10.71
C PRO B 226 -0.55 22.45 10.61
N MET B 227 -0.21 23.21 9.58
CA MET B 227 1.19 23.50 9.29
C MET B 227 1.65 24.76 10.03
N LYS B 228 2.96 24.81 10.27
CA LYS B 228 3.66 26.06 10.55
C LYS B 228 3.01 27.22 9.83
N HIS B 229 2.97 27.12 8.52
CA HIS B 229 3.04 28.25 7.62
C HIS B 229 2.04 28.01 6.50
N ARG B 230 1.08 28.92 6.39
CA ARG B 230 0.07 28.80 5.36
C ARG B 230 0.72 28.95 3.99
N ARG B 231 0.24 28.17 3.03
CA ARG B 231 0.89 28.13 1.73
C ARG B 231 -0.04 27.52 0.69
N SER B 232 -0.19 28.20 -0.44
CA SER B 232 -0.79 27.63 -1.63
C SER B 232 0.27 27.46 -2.71
N ALA B 233 -0.06 26.66 -3.73
CA ALA B 233 0.87 26.31 -4.79
C ALA B 233 2.13 25.64 -4.22
N LEU B 234 1.95 24.65 -3.35
CA LEU B 234 3.06 23.98 -2.69
C LEU B 234 3.32 22.62 -3.31
N GLY B 235 4.55 22.15 -3.17
CA GLY B 235 4.88 20.79 -3.54
C GLY B 235 4.65 19.86 -2.37
N ILE B 236 4.36 18.60 -2.67
CA ILE B 236 4.04 17.62 -1.64
C ILE B 236 4.45 16.25 -2.14
N THR B 237 4.86 15.38 -1.21
CA THR B 237 5.16 14.00 -1.56
C THR B 237 5.21 13.14 -0.29
N VAL B 238 5.23 11.83 -0.51
CA VAL B 238 5.34 10.83 0.56
C VAL B 238 6.68 10.13 0.39
N HIS B 239 7.44 10.06 1.48
CA HIS B 239 8.73 9.36 1.51
C HIS B 239 8.78 8.48 2.75
N GLN B 240 8.80 7.17 2.55
CA GLN B 240 9.07 6.21 3.63
C GLN B 240 8.11 6.42 4.82
N GLY B 241 6.85 6.71 4.49
CA GLY B 241 5.80 6.77 5.49
C GLY B 241 5.53 8.13 6.12
N ARG B 242 6.18 9.19 5.64
CA ARG B 242 6.02 10.57 6.14
C ARG B 242 5.82 11.55 4.98
N ILE B 243 5.07 12.63 5.24
CA ILE B 243 4.68 13.62 4.23
C ILE B 243 5.59 14.83 4.30
N TYR B 244 6.01 15.31 3.14
CA TYR B 244 6.85 16.51 3.04
C TYR B 244 6.16 17.55 2.16
N VAL B 245 6.12 18.80 2.62
CA VAL B 245 5.60 19.92 1.85
C VAL B 245 6.74 20.90 1.57
N LEU B 246 6.78 21.43 0.35
CA LEU B 246 7.90 22.21 -0.14
C LEU B 246 7.42 23.54 -0.69
N GLY B 247 7.96 24.63 -0.15
CA GLY B 247 7.76 25.96 -0.70
C GLY B 247 6.30 26.40 -0.70
N GLY B 248 5.97 27.27 -1.64
CA GLY B 248 4.64 27.81 -1.81
C GLY B 248 4.63 29.32 -1.72
N TYR B 249 3.43 29.88 -1.67
CA TYR B 249 3.18 31.32 -1.64
C TYR B 249 2.10 31.59 -0.60
N ASP B 250 2.30 32.62 0.22
CA ASP B 250 1.39 32.89 1.34
C ASP B 250 0.71 34.25 1.22
N GLY B 251 0.71 34.84 0.02
CA GLY B 251 0.07 36.12 -0.20
C GLY B 251 1.01 37.30 -0.12
N HIS B 252 2.22 37.10 0.37
CA HIS B 252 3.25 38.13 0.41
C HIS B 252 4.60 37.63 -0.11
N THR B 253 4.93 36.36 0.13
CA THR B 253 6.29 35.87 0.02
C THR B 253 6.31 34.50 -0.64
N PHE B 254 7.37 34.23 -1.39
CA PHE B 254 7.63 32.89 -1.92
C PHE B 254 8.47 32.11 -0.89
N LEU B 255 7.85 31.09 -0.31
CA LEU B 255 8.45 30.36 0.80
C LEU B 255 9.51 29.37 0.32
N ASP B 256 10.56 29.24 1.12
CA ASP B 256 11.48 28.12 0.99
C ASP B 256 11.36 27.13 2.15
N SER B 257 10.39 27.32 3.05
CA SER B 257 10.11 26.37 4.12
C SER B 257 9.86 24.98 3.57
N VAL B 258 10.41 23.97 4.23
CA VAL B 258 10.06 22.58 3.96
C VAL B 258 9.67 21.93 5.28
N GLU B 259 8.40 21.54 5.40
CA GLU B 259 7.86 20.96 6.62
C GLU B 259 7.60 19.46 6.43
N CYS B 260 7.59 18.75 7.57
CA CYS B 260 7.38 17.30 7.57
C CYS B 260 6.40 16.88 8.66
N TYR B 261 5.53 15.90 8.31
CA TYR B 261 4.46 15.42 9.17
C TYR B 261 4.89 14.07 9.73
N ASP B 262 4.78 13.92 11.01
CA ASP B 262 4.81 12.58 11.54
C ASP B 262 3.39 12.18 11.92
N PRO B 263 2.82 11.16 11.27
CA PRO B 263 1.42 10.80 11.55
C PRO B 263 1.22 10.10 12.88
N ASP B 264 2.25 9.44 13.42
CA ASP B 264 2.12 8.81 14.72
C ASP B 264 1.96 9.85 15.82
N THR B 265 2.70 10.95 15.71
CA THR B 265 2.64 12.01 16.69
C THR B 265 1.59 13.05 16.35
N ASP B 266 1.08 13.04 15.12
CA ASP B 266 0.35 14.18 14.55
C ASP B 266 1.15 15.47 14.79
N THR B 267 2.35 15.51 14.19
CA THR B 267 3.28 16.63 14.28
C THR B 267 3.59 17.20 12.91
N TRP B 268 3.73 18.53 12.84
CA TRP B 268 4.41 19.21 11.72
C TRP B 268 5.46 20.16 12.30
N SER B 269 6.65 20.13 11.71
CA SER B 269 7.78 20.91 12.19
C SER B 269 8.62 21.30 10.99
N GLU B 270 9.12 22.54 10.99
CA GLU B 270 10.04 23.00 9.97
C GLU B 270 11.29 22.12 9.94
N VAL B 271 11.56 21.50 8.80
CA VAL B 271 12.65 20.56 8.66
C VAL B 271 13.83 21.15 7.90
N THR B 272 13.58 21.66 6.70
CA THR B 272 14.63 22.18 5.83
C THR B 272 14.19 23.52 5.25
N ARG B 273 15.15 24.22 4.65
CA ARG B 273 14.87 25.27 3.68
C ARG B 273 15.32 24.81 2.30
N MET B 274 14.56 25.22 1.29
CA MET B 274 15.02 25.08 -0.08
C MET B 274 16.15 26.08 -0.34
N THR B 275 16.97 25.76 -1.35
CA THR B 275 18.04 26.68 -1.73
C THR B 275 17.50 28.06 -2.10
N SER B 276 16.25 28.12 -2.57
CA SER B 276 15.61 29.39 -2.88
C SER B 276 14.10 29.24 -2.79
N GLY B 277 13.44 30.32 -2.38
CA GLY B 277 12.00 30.29 -2.24
C GLY B 277 11.32 30.33 -3.60
N ARG B 278 10.19 29.62 -3.69
CA ARG B 278 9.49 29.47 -4.95
C ARG B 278 8.11 28.90 -4.68
N SER B 279 7.23 29.01 -5.67
CA SER B 279 5.93 28.36 -5.62
C SER B 279 5.74 27.55 -6.89
N GLY B 280 4.72 26.70 -6.87
CA GLY B 280 4.32 25.92 -8.03
C GLY B 280 5.32 24.90 -8.54
N VAL B 281 5.90 24.07 -7.65
CA VAL B 281 6.89 23.09 -8.06
C VAL B 281 6.21 21.78 -8.43
N GLY B 282 6.99 20.87 -9.02
CA GLY B 282 6.57 19.48 -9.18
C GLY B 282 7.47 18.58 -8.35
N VAL B 283 6.88 17.69 -7.57
CA VAL B 283 7.63 16.91 -6.57
C VAL B 283 7.28 15.43 -6.72
N ALA B 284 8.29 14.59 -6.59
CA ALA B 284 8.16 13.14 -6.64
C ALA B 284 9.40 12.53 -5.96
N VAL B 285 9.44 11.21 -5.91
CA VAL B 285 10.48 10.48 -5.17
C VAL B 285 11.04 9.34 -6.00
N THR B 286 12.36 9.24 -6.05
CA THR B 286 13.05 8.09 -6.62
C THR B 286 14.37 7.86 -5.89
N GLY C 1 1.15 36.89 -10.35
CA GLY C 1 0.19 37.95 -10.60
C GLY C 1 -1.23 37.63 -10.16
N ASP C 2 -1.36 36.59 -9.36
CA ASP C 2 -2.66 36.19 -8.85
C ASP C 2 -2.48 35.74 -7.41
N PRO C 3 -3.53 35.83 -6.59
CA PRO C 3 -3.36 35.58 -5.14
C PRO C 3 -2.95 34.15 -4.81
N GLU C 4 -3.20 33.19 -5.69
CA GLU C 4 -3.00 31.80 -5.30
C GLU C 4 -1.59 31.31 -5.55
N THR C 5 -1.01 31.63 -6.71
CA THR C 5 0.32 31.15 -7.05
C THR C 5 1.40 32.20 -6.86
N GLY C 6 1.03 33.48 -6.77
CA GLY C 6 2.00 34.54 -6.79
C GLY C 6 2.43 35.00 -8.16
N GLU C 7 1.89 34.43 -9.23
CA GLU C 7 2.32 34.80 -10.58
C GLU C 7 1.47 35.94 -11.18
#